data_8A58
#
_entry.id   8A58
#
_cell.length_a   62.820
_cell.length_b   75.482
_cell.length_c   63.835
_cell.angle_alpha   90.000
_cell.angle_beta   119.310
_cell.angle_gamma   90.000
#
_symmetry.space_group_name_H-M   'P 1 21 1'
#
loop_
_entity.id
_entity.type
_entity.pdbx_description
1 polymer 'Ubiquitin-conjugating enzyme E2 W'
2 polymer 'E3 ubiquitin-protein ligase TRIM21'
3 non-polymer 'ZINC ION'
4 water water
#
loop_
_entity_poly.entity_id
_entity_poly.type
_entity_poly.pdbx_seq_one_letter_code
_entity_poly.pdbx_strand_id
1 'polypeptide(L)'
;SHMASMQKRLQKELLALQNDPPPGMTLNEKSVQNSITQWIVDMEGAPGTLYEGEKFQLLFKFSSRYPFKSPQVMFTGENI
PVHPHVYSNGHIKLSILTEDWSPALSVQSVCLSIISMLSSCKEKRRPPDNSFYVRTCNKNPKKTKWWYHDDTC
;
A,B
2 'polypeptide(L)'
;MASAARLTMMWEEVTCPICLDPFVEPVSIECGHSFCQECISQVGKGGGSVCPVCRQRFLLKNLRPNRQLANMVNNLKEIS
QEARE
;
C,D
#
# COMPACT_ATOMS: atom_id res chain seq x y z
N ALA A 4 2.09 -1.79 27.88
CA ALA A 4 2.91 -0.81 27.17
C ALA A 4 2.34 -0.49 25.80
N SER A 5 2.03 -1.50 25.00
CA SER A 5 1.34 -1.23 23.75
C SER A 5 -0.01 -0.56 24.01
N MET A 6 -0.67 -0.95 25.10
CA MET A 6 -1.92 -0.29 25.48
C MET A 6 -1.65 1.11 26.00
N GLN A 7 -0.61 1.29 26.84
CA GLN A 7 -0.30 2.63 27.29
C GLN A 7 0.27 3.46 26.16
N LYS A 8 1.06 2.84 25.29
CA LYS A 8 1.53 3.54 24.09
C LYS A 8 0.35 4.05 23.28
N ARG A 9 -0.64 3.21 23.04
CA ARG A 9 -1.84 3.66 22.35
C ARG A 9 -2.55 4.77 23.12
N LEU A 10 -2.77 4.56 24.41
CA LEU A 10 -3.52 5.54 25.19
C LEU A 10 -2.83 6.89 25.23
N GLN A 11 -1.49 6.92 25.26
CA GLN A 11 -0.84 8.21 25.26
C GLN A 11 -0.93 8.87 23.89
N LYS A 12 -0.89 8.08 22.81
CA LYS A 12 -1.07 8.68 21.48
C LYS A 12 -2.48 9.22 21.32
N GLU A 13 -3.47 8.49 21.84
CA GLU A 13 -4.84 8.97 21.83
C GLU A 13 -5.00 10.18 22.75
N LEU A 14 -4.32 10.18 23.88
CA LEU A 14 -4.46 11.29 24.82
C LEU A 14 -3.85 12.56 24.26
N LEU A 15 -2.71 12.43 23.59
CA LEU A 15 -2.13 13.58 22.92
C LEU A 15 -3.03 14.05 21.79
N ALA A 16 -3.61 13.10 21.04
CA ALA A 16 -4.52 13.47 19.96
C ALA A 16 -5.68 14.31 20.49
N LEU A 17 -6.18 13.99 21.69
CA LEU A 17 -7.27 14.76 22.27
C LEU A 17 -6.82 16.16 22.70
N GLN A 18 -5.62 16.28 23.26
CA GLN A 18 -5.17 17.56 23.78
C GLN A 18 -4.74 18.54 22.67
N ASN A 19 -4.23 18.01 21.56
CA ASN A 19 -3.70 18.78 20.44
C ASN A 19 -4.69 18.91 19.30
N ASP A 20 -5.61 17.95 19.18
CA ASP A 20 -6.67 17.98 18.16
C ASP A 20 -7.92 17.29 18.71
N PRO A 21 -8.64 17.94 19.61
CA PRO A 21 -9.88 17.35 20.10
C PRO A 21 -10.95 17.34 19.02
N PRO A 22 -11.91 16.44 19.10
CA PRO A 22 -13.05 16.50 18.17
C PRO A 22 -13.81 17.81 18.35
N PRO A 23 -14.62 18.21 17.38
CA PRO A 23 -15.34 19.49 17.50
C PRO A 23 -16.19 19.54 18.76
N GLY A 24 -16.04 20.63 19.51
CA GLY A 24 -16.83 20.83 20.71
C GLY A 24 -16.32 20.11 21.93
N MET A 25 -15.04 19.71 21.95
CA MET A 25 -14.50 18.91 23.04
C MET A 25 -13.14 19.43 23.53
N THR A 26 -12.90 19.24 24.83
CA THR A 26 -11.73 19.68 25.58
C THR A 26 -11.62 18.76 26.79
N LEU A 27 -10.40 18.47 27.24
CA LEU A 27 -10.26 17.62 28.43
C LEU A 27 -9.55 18.29 29.61
N ASN A 28 -9.92 17.84 30.82
CA ASN A 28 -9.52 18.42 32.10
C ASN A 28 -9.09 17.34 33.10
N GLU A 29 -7.94 17.55 33.73
CA GLU A 29 -7.33 16.64 34.74
C GLU A 29 -7.40 15.20 34.24
N ASN A 34 -4.35 14.36 34.22
CA ASN A 34 -3.26 13.46 33.83
C ASN A 34 -3.26 12.20 34.69
N SER A 35 -4.16 11.28 34.32
CA SER A 35 -4.36 9.98 34.96
C SER A 35 -4.79 9.08 33.81
N ILE A 36 -3.87 8.28 33.25
CA ILE A 36 -4.22 7.59 32.00
C ILE A 36 -5.06 6.33 32.19
N THR A 37 -5.47 6.02 33.42
CA THR A 37 -6.52 5.02 33.53
C THR A 37 -7.91 5.64 33.35
N GLN A 38 -8.08 6.91 33.75
CA GLN A 38 -9.36 7.60 33.70
C GLN A 38 -9.17 9.03 33.22
N TRP A 39 -9.90 9.45 32.18
CA TRP A 39 -9.83 10.88 31.88
C TRP A 39 -11.20 11.47 31.55
N ILE A 40 -11.32 12.78 31.76
CA ILE A 40 -12.60 13.48 31.66
C ILE A 40 -12.48 14.43 30.46
N VAL A 41 -13.50 14.46 29.59
CA VAL A 41 -13.52 15.35 28.43
C VAL A 41 -14.73 16.28 28.57
N ASP A 42 -14.48 17.59 28.54
CA ASP A 42 -15.57 18.56 28.52
C ASP A 42 -16.16 18.64 27.12
N MET A 43 -17.49 18.68 27.05
CA MET A 43 -18.20 18.75 25.77
C MET A 43 -19.25 19.85 25.80
N GLU A 44 -19.26 20.68 24.76
CA GLU A 44 -20.23 21.76 24.61
C GLU A 44 -21.16 21.43 23.45
N GLY A 45 -22.45 21.74 23.62
CA GLY A 45 -23.41 21.49 22.56
C GLY A 45 -23.09 22.28 21.31
N ALA A 46 -23.48 21.72 20.17
CA ALA A 46 -23.10 22.30 18.90
C ALA A 46 -24.20 23.20 18.35
N PRO A 47 -23.89 24.17 17.48
CA PRO A 47 -24.96 24.88 16.79
C PRO A 47 -25.76 23.92 15.93
N GLY A 48 -27.08 24.13 15.89
CA GLY A 48 -27.98 23.32 15.11
C GLY A 48 -28.49 22.06 15.78
N THR A 49 -28.16 21.81 17.04
CA THR A 49 -28.75 20.70 17.77
C THR A 49 -29.54 21.25 18.95
N LEU A 50 -30.38 20.38 19.52
CA LEU A 50 -31.23 20.75 20.65
C LEU A 50 -30.47 20.91 21.95
N TYR A 51 -29.15 20.73 21.96
CA TYR A 51 -28.36 20.84 23.18
C TYR A 51 -27.33 21.96 23.09
N GLU A 52 -27.52 22.89 22.16
CA GLU A 52 -26.61 24.03 22.04
C GLU A 52 -26.48 24.79 23.36
N GLY A 53 -25.24 25.13 23.71
CA GLY A 53 -24.95 25.97 24.85
C GLY A 53 -24.80 25.24 26.17
N GLU A 54 -25.28 24.00 26.27
CA GLU A 54 -25.19 23.26 27.51
C GLU A 54 -23.80 22.62 27.63
N LYS A 55 -23.27 22.58 28.85
CA LYS A 55 -21.95 22.03 29.11
C LYS A 55 -22.08 20.67 29.78
N PHE A 56 -21.55 19.63 29.13
CA PHE A 56 -21.59 18.27 29.66
C PHE A 56 -20.16 17.77 29.90
N GLN A 57 -20.05 16.63 30.57
CA GLN A 57 -18.75 16.01 30.81
C GLN A 57 -18.83 14.51 30.61
N LEU A 58 -17.83 13.96 29.91
CA LEU A 58 -17.72 12.53 29.65
C LEU A 58 -16.56 11.93 30.43
N LEU A 59 -16.80 10.78 31.04
CA LEU A 59 -15.78 10.01 31.72
C LEU A 59 -15.42 8.79 30.88
N PHE A 60 -14.12 8.58 30.63
CA PHE A 60 -13.61 7.41 29.94
C PHE A 60 -12.85 6.54 30.93
N LYS A 61 -13.27 5.29 31.09
CA LYS A 61 -12.59 4.33 31.95
C LYS A 61 -12.00 3.19 31.11
N PHE A 62 -10.68 3.00 31.21
CA PHE A 62 -9.96 2.00 30.44
C PHE A 62 -9.52 0.84 31.33
N SER A 63 -9.86 -0.38 30.91
CA SER A 63 -9.40 -1.58 31.57
C SER A 63 -8.10 -2.10 30.94
N SER A 64 -7.50 -3.10 31.58
CA SER A 64 -6.22 -3.64 31.13
C SER A 64 -6.31 -4.33 29.78
N ARG A 65 -7.47 -4.78 29.34
CA ARG A 65 -7.60 -5.44 28.06
C ARG A 65 -7.88 -4.47 26.91
N TYR A 66 -8.10 -3.20 27.20
CA TYR A 66 -8.20 -2.19 26.15
C TYR A 66 -6.98 -2.29 25.23
N PRO A 67 -7.15 -2.13 23.90
CA PRO A 67 -8.40 -1.74 23.23
C PRO A 67 -9.26 -2.90 22.76
N PHE A 68 -8.93 -4.12 23.18
CA PHE A 68 -9.66 -5.31 22.72
C PHE A 68 -10.99 -5.49 23.45
N LYS A 69 -11.12 -5.00 24.67
CA LYS A 69 -12.41 -4.79 25.30
C LYS A 69 -12.69 -3.30 25.33
N SER A 70 -13.97 -2.97 25.34
CA SER A 70 -14.36 -1.58 25.18
C SER A 70 -14.16 -0.81 26.49
N PRO A 71 -13.79 0.45 26.42
CA PRO A 71 -13.79 1.26 27.64
C PRO A 71 -15.21 1.46 28.14
N GLN A 72 -15.33 1.67 29.45
CA GLN A 72 -16.58 2.17 29.99
C GLN A 72 -16.66 3.68 29.77
N VAL A 73 -17.74 4.15 29.13
CA VAL A 73 -17.92 5.58 28.82
C VAL A 73 -19.28 6.03 29.32
N MET A 74 -19.31 7.18 29.99
CA MET A 74 -20.54 7.69 30.58
C MET A 74 -20.47 9.21 30.65
N PHE A 75 -21.65 9.80 30.78
CA PHE A 75 -21.75 11.19 31.17
C PHE A 75 -21.65 11.29 32.69
N THR A 76 -21.00 12.33 33.18
CA THR A 76 -20.93 12.57 34.61
C THR A 76 -21.11 14.05 34.88
N GLY A 77 -21.02 14.41 36.16
CA GLY A 77 -21.39 15.73 36.62
C GLY A 77 -22.86 15.85 36.95
N GLU A 78 -23.26 17.10 37.18
CA GLU A 78 -24.65 17.32 37.53
C GLU A 78 -25.45 17.81 36.34
N ASN A 79 -24.79 18.04 35.20
CA ASN A 79 -25.43 18.30 33.92
C ASN A 79 -25.32 17.06 33.02
N ILE A 80 -26.41 16.30 32.96
CA ILE A 80 -26.52 15.10 32.14
C ILE A 80 -27.53 15.36 31.04
N PRO A 81 -27.20 15.15 29.76
CA PRO A 81 -28.17 15.43 28.69
C PRO A 81 -29.40 14.54 28.77
N VAL A 82 -30.52 15.09 28.30
CA VAL A 82 -31.77 14.36 28.15
C VAL A 82 -31.81 13.81 26.72
N HIS A 83 -31.76 12.48 26.58
CA HIS A 83 -31.59 11.90 25.25
C HIS A 83 -32.07 10.46 25.29
N PRO A 84 -32.77 9.98 24.26
CA PRO A 84 -33.36 8.64 24.31
C PRO A 84 -32.35 7.50 24.44
N HIS A 85 -31.06 7.74 24.18
CA HIS A 85 -30.03 6.72 24.31
C HIS A 85 -29.10 7.00 25.48
N VAL A 86 -29.43 7.99 26.32
CA VAL A 86 -28.63 8.38 27.48
C VAL A 86 -29.49 8.35 28.73
N TYR A 87 -29.05 7.61 29.74
CA TYR A 87 -29.78 7.41 30.99
C TYR A 87 -29.55 8.54 31.98
N SER A 88 -30.38 8.52 33.04
CA SER A 88 -30.26 9.45 34.16
C SER A 88 -28.87 9.44 34.77
N ASN A 89 -28.32 8.23 34.99
CA ASN A 89 -27.03 8.07 35.66
C ASN A 89 -25.84 8.34 34.76
N GLY A 90 -26.06 8.71 33.51
CA GLY A 90 -24.97 8.99 32.61
C GLY A 90 -24.57 7.82 31.72
N HIS A 91 -25.09 6.62 31.96
CA HIS A 91 -24.80 5.50 31.06
C HIS A 91 -25.29 5.83 29.66
N ILE A 92 -24.59 5.30 28.66
CA ILE A 92 -24.84 5.63 27.26
C ILE A 92 -25.28 4.34 26.56
N LYS A 93 -26.43 4.39 25.89
CA LYS A 93 -26.97 3.23 25.20
C LYS A 93 -26.56 3.32 23.73
N LEU A 94 -25.40 2.76 23.44
CA LEU A 94 -24.75 2.77 22.14
C LEU A 94 -24.10 1.41 22.00
N SER A 95 -24.56 0.60 21.05
CA SER A 95 -24.00 -0.74 20.83
C SER A 95 -22.49 -0.74 20.63
N ILE A 96 -21.91 0.32 20.04
CA ILE A 96 -20.46 0.40 19.91
C ILE A 96 -19.74 0.32 21.25
N LEU A 97 -20.39 0.71 22.33
CA LEU A 97 -19.82 0.55 23.66
C LEU A 97 -19.96 -0.86 24.20
N THR A 98 -20.56 -1.77 23.44
CA THR A 98 -20.89 -3.09 23.96
C THR A 98 -20.39 -4.22 23.06
N GLU A 99 -21.21 -4.66 22.11
CA GLU A 99 -20.79 -5.74 21.22
C GLU A 99 -20.54 -5.28 19.79
N ASP A 100 -20.77 -4.00 19.47
CA ASP A 100 -20.19 -3.44 18.26
C ASP A 100 -18.83 -2.83 18.52
N TRP A 101 -18.27 -3.03 19.72
CA TRP A 101 -16.91 -2.57 19.99
C TRP A 101 -15.91 -3.35 19.14
N SER A 102 -15.00 -2.64 18.51
CA SER A 102 -13.84 -3.32 17.99
C SER A 102 -12.59 -2.54 18.35
N PRO A 103 -11.45 -3.22 18.45
CA PRO A 103 -10.21 -2.52 18.76
C PRO A 103 -9.90 -1.45 17.76
N ALA A 104 -10.44 -1.56 16.53
CA ALA A 104 -10.22 -0.50 15.58
C ALA A 104 -11.01 0.77 15.92
N LEU A 105 -11.93 0.71 16.88
CA LEU A 105 -12.55 1.97 17.31
C LEU A 105 -11.62 2.71 18.28
N SER A 106 -11.83 4.02 18.39
CA SER A 106 -10.94 4.89 19.15
C SER A 106 -11.77 5.78 20.07
N VAL A 107 -11.08 6.44 21.01
CA VAL A 107 -11.70 7.51 21.77
C VAL A 107 -12.23 8.58 20.83
N GLN A 108 -11.42 8.96 19.84
CA GLN A 108 -11.85 9.96 18.88
C GLN A 108 -13.13 9.51 18.19
N SER A 109 -13.17 8.25 17.76
CA SER A 109 -14.35 7.74 17.06
C SER A 109 -15.53 7.59 18.01
N VAL A 110 -15.29 7.25 19.28
CA VAL A 110 -16.39 7.20 20.25
C VAL A 110 -16.93 8.59 20.50
N CYS A 111 -16.04 9.58 20.65
CA CYS A 111 -16.48 10.96 20.83
C CYS A 111 -17.36 11.42 19.66
N LEU A 112 -16.92 11.12 18.44
CA LEU A 112 -17.67 11.51 17.25
C LEU A 112 -19.04 10.87 17.19
N SER A 113 -19.15 9.61 17.64
CA SER A 113 -20.42 8.89 17.64
C SER A 113 -21.42 9.52 18.60
N ILE A 114 -20.94 9.96 19.76
CA ILE A 114 -21.78 10.65 20.74
C ILE A 114 -22.28 11.98 20.16
N ILE A 115 -21.38 12.76 19.56
CA ILE A 115 -21.77 14.01 18.89
C ILE A 115 -22.82 13.73 17.81
N SER A 116 -22.59 12.69 17.01
CA SER A 116 -23.59 12.25 16.04
C SER A 116 -24.91 11.94 16.71
N MET A 117 -24.87 11.44 17.96
CA MET A 117 -26.07 11.07 18.68
C MET A 117 -26.78 12.29 19.27
N LEU A 118 -26.04 13.25 19.81
CA LEU A 118 -26.66 14.48 20.29
C LEU A 118 -27.42 15.17 19.16
N SER A 119 -26.84 15.17 17.98
CA SER A 119 -27.53 15.76 16.85
C SER A 119 -28.53 14.79 16.21
N SER A 120 -28.69 13.55 16.71
CA SER A 120 -29.63 12.58 16.13
C SER A 120 -31.08 12.96 16.34
N CYS A 121 -31.37 13.25 17.60
CA CYS A 121 -32.72 13.19 18.12
C CYS A 121 -33.52 14.41 17.69
N LYS A 122 -34.80 14.18 17.41
CA LYS A 122 -35.66 15.28 17.02
C LYS A 122 -36.44 15.86 18.20
N GLU A 123 -36.56 15.10 19.29
CA GLU A 123 -37.25 15.52 20.50
C GLU A 123 -36.36 15.15 21.69
N LYS A 124 -36.06 16.14 22.51
CA LYS A 124 -35.17 16.03 23.68
C LYS A 124 -35.89 15.28 24.79
N ARG A 125 -35.79 13.94 24.71
CA ARG A 125 -36.57 13.00 25.50
C ARG A 125 -35.65 12.10 26.30
N ARG A 126 -36.15 11.55 27.40
CA ARG A 126 -35.47 10.61 28.30
C ARG A 126 -35.75 9.19 27.78
N PRO A 127 -34.90 8.20 28.08
CA PRO A 127 -35.08 6.88 27.44
C PRO A 127 -36.27 6.13 28.01
N PRO A 128 -36.93 5.28 27.21
CA PRO A 128 -38.12 4.57 27.74
C PRO A 128 -37.82 3.73 28.95
N ASP A 129 -36.58 3.30 29.08
CA ASP A 129 -36.09 2.49 30.19
C ASP A 129 -35.53 3.31 31.34
N ASN A 130 -35.74 4.63 31.35
CA ASN A 130 -34.86 5.51 32.12
C ASN A 130 -35.01 5.31 33.63
N SER A 131 -36.21 5.45 34.16
CA SER A 131 -36.37 5.29 35.60
C SER A 131 -36.14 3.83 35.99
N PHE A 132 -36.65 2.91 35.18
CA PHE A 132 -36.38 1.50 35.39
C PHE A 132 -34.89 1.20 35.36
N TYR A 133 -34.22 1.56 34.26
CA TYR A 133 -32.84 1.09 34.06
C TYR A 133 -31.90 1.61 35.13
N VAL A 134 -32.07 2.84 35.60
CA VAL A 134 -31.06 3.29 36.55
C VAL A 134 -31.35 2.76 37.95
N ARG A 135 -32.60 2.41 38.25
CA ARG A 135 -32.87 1.66 39.46
C ARG A 135 -32.22 0.28 39.40
N THR A 136 -32.08 -0.30 38.21
CA THR A 136 -31.41 -1.60 38.06
C THR A 136 -29.97 -1.60 38.59
N CYS A 137 -29.22 -0.53 38.26
CA CYS A 137 -27.79 -0.45 38.53
C CYS A 137 -27.47 0.04 39.94
N ASN A 138 -28.47 0.45 40.72
CA ASN A 138 -28.12 1.03 42.01
C ASN A 138 -27.82 -0.02 43.07
N LYS A 139 -28.02 -1.30 42.76
CA LYS A 139 -27.64 -2.41 43.63
C LYS A 139 -26.58 -3.24 42.91
N ASN A 140 -25.36 -3.25 43.48
CA ASN A 140 -24.18 -3.85 42.85
C ASN A 140 -23.02 -3.86 43.85
N PRO A 141 -22.14 -4.86 43.80
CA PRO A 141 -21.04 -4.91 44.77
C PRO A 141 -19.96 -3.86 44.50
N LYS A 142 -19.90 -3.34 43.28
CA LYS A 142 -19.01 -2.27 42.83
C LYS A 142 -17.58 -2.72 42.63
N LYS A 143 -16.90 -2.10 41.66
CA LYS A 143 -15.52 -2.42 41.31
C LYS A 143 -14.60 -1.69 42.31
N THR A 144 -14.54 -2.25 43.52
CA THR A 144 -13.73 -1.71 44.60
C THR A 144 -12.32 -2.31 44.59
N LYS A 145 -11.34 -1.44 44.83
CA LYS A 145 -9.90 -1.66 44.66
C LYS A 145 -9.58 -2.55 43.44
N TRP A 146 -9.41 -3.87 43.52
CA TRP A 146 -9.13 -4.60 42.29
C TRP A 146 -10.30 -5.32 41.58
N TRP A 147 -10.24 -5.31 40.23
CA TRP A 147 -11.23 -5.91 39.33
C TRP A 147 -10.72 -7.13 38.61
N MET B 1 3.49 23.79 6.07
CA MET B 1 4.77 23.88 5.36
C MET B 1 4.68 23.30 3.94
N ALA B 2 5.84 23.29 3.26
CA ALA B 2 6.05 22.73 1.93
C ALA B 2 5.62 21.27 1.78
N SER B 3 4.31 21.00 1.89
CA SER B 3 3.75 19.65 1.95
C SER B 3 4.65 18.70 2.76
N ALA B 4 5.15 19.18 3.89
CA ALA B 4 5.65 18.29 4.93
C ALA B 4 4.51 17.51 5.56
N ALA B 5 3.29 18.05 5.49
CA ALA B 5 2.13 17.35 6.01
C ALA B 5 1.83 16.09 5.20
N ARG B 6 2.10 16.12 3.89
CA ARG B 6 1.91 14.90 3.10
C ARG B 6 2.74 13.76 3.65
N LEU B 7 3.91 14.06 4.22
CA LEU B 7 4.69 13.06 4.94
C LEU B 7 3.84 12.39 6.02
N THR B 8 3.19 13.20 6.87
CA THR B 8 2.40 12.65 7.95
C THR B 8 1.15 11.94 7.43
N MET B 9 0.62 12.37 6.29
CA MET B 9 -0.51 11.67 5.68
C MET B 9 -0.14 10.22 5.41
N MET B 10 1.02 10.00 4.82
CA MET B 10 1.46 8.65 4.54
C MET B 10 1.77 7.88 5.81
N TRP B 11 2.26 8.56 6.85
CA TRP B 11 2.46 7.89 8.12
C TRP B 11 1.15 7.37 8.67
N GLU B 12 0.09 8.19 8.62
CA GLU B 12 -1.16 7.70 9.21
C GLU B 12 -1.77 6.61 8.35
N GLU B 13 -1.53 6.64 7.04
CA GLU B 13 -2.06 5.58 6.21
C GLU B 13 -1.33 4.25 6.43
N VAL B 14 -0.10 4.28 6.94
CA VAL B 14 0.59 3.04 7.28
C VAL B 14 0.54 2.77 8.78
N THR B 15 -0.47 3.30 9.46
CA THR B 15 -0.67 3.06 10.87
C THR B 15 -1.65 1.90 11.07
N CYS B 16 -1.25 0.93 11.89
CA CYS B 16 -2.14 -0.19 12.15
C CYS B 16 -3.31 0.28 12.99
N PRO B 17 -4.54 -0.05 12.64
CA PRO B 17 -5.68 0.44 13.44
C PRO B 17 -5.70 -0.08 14.88
N ILE B 18 -5.07 -1.22 15.20
CA ILE B 18 -5.20 -1.76 16.54
C ILE B 18 -4.18 -1.14 17.51
N CYS B 19 -2.88 -1.22 17.20
CA CYS B 19 -1.91 -0.60 18.09
C CYS B 19 -1.73 0.90 17.82
N LEU B 20 -2.19 1.39 16.67
CA LEU B 20 -2.00 2.80 16.26
C LEU B 20 -0.51 3.16 16.14
N ASP B 21 0.30 2.18 15.74
CA ASP B 21 1.70 2.30 15.40
C ASP B 21 1.91 1.85 13.96
N PRO B 22 3.04 2.21 13.32
CA PRO B 22 3.30 1.70 11.97
C PRO B 22 3.24 0.19 11.95
N PHE B 23 2.78 -0.36 10.83
CA PHE B 23 2.60 -1.81 10.73
C PHE B 23 3.92 -2.52 11.02
N VAL B 24 3.87 -3.50 11.90
CA VAL B 24 4.98 -4.40 12.15
C VAL B 24 4.55 -5.78 11.69
N GLU B 25 5.32 -6.31 10.73
CA GLU B 25 5.02 -7.58 10.07
C GLU B 25 3.58 -7.63 9.56
N PRO B 26 3.21 -6.74 8.63
CA PRO B 26 1.79 -6.58 8.31
C PRO B 26 1.25 -7.79 7.57
N VAL B 27 0.06 -8.23 7.98
CA VAL B 27 -0.61 -9.35 7.31
C VAL B 27 -2.04 -8.97 6.92
N SER B 28 -2.55 -9.66 5.91
CA SER B 28 -3.91 -9.48 5.47
C SER B 28 -4.75 -10.71 5.82
N ILE B 29 -5.98 -10.48 6.26
CA ILE B 29 -6.98 -11.55 6.38
C ILE B 29 -7.87 -11.60 5.13
N GLU B 30 -8.88 -12.47 5.17
CA GLU B 30 -9.65 -12.81 3.97
C GLU B 30 -10.31 -11.59 3.33
N CYS B 31 -10.92 -10.70 4.13
CA CYS B 31 -11.51 -9.46 3.60
C CYS B 31 -10.45 -8.53 2.99
N GLY B 32 -9.18 -8.73 3.27
CA GLY B 32 -8.14 -7.93 2.69
C GLY B 32 -7.72 -6.73 3.50
N HIS B 33 -8.28 -6.54 4.70
CA HIS B 33 -7.75 -5.56 5.63
C HIS B 33 -6.43 -6.07 6.24
N SER B 34 -5.62 -5.16 6.76
CA SER B 34 -4.23 -5.41 7.14
C SER B 34 -3.97 -4.98 8.58
N PHE B 35 -3.14 -5.74 9.30
CA PHE B 35 -2.86 -5.51 10.71
C PHE B 35 -1.45 -6.00 11.01
N CYS B 36 -0.89 -5.50 12.11
CA CYS B 36 0.29 -6.15 12.65
C CYS B 36 -0.05 -7.62 12.92
N GLN B 37 0.83 -8.51 12.43
CA GLN B 37 0.70 -9.93 12.77
C GLN B 37 0.29 -10.15 14.21
N GLU B 38 0.96 -9.47 15.11
CA GLU B 38 0.77 -9.68 16.53
C GLU B 38 -0.49 -8.99 17.09
N CYS B 39 -0.99 -7.93 16.44
CA CYS B 39 -2.26 -7.35 16.86
C CYS B 39 -3.43 -8.22 16.42
N ILE B 40 -3.38 -8.69 15.18
CA ILE B 40 -4.51 -9.42 14.65
C ILE B 40 -4.61 -10.77 15.34
N SER B 41 -3.51 -11.31 15.85
CA SER B 41 -3.60 -12.57 16.56
C SER B 41 -3.90 -12.37 18.03
N GLN B 42 -3.57 -11.20 18.58
CA GLN B 42 -4.15 -10.81 19.87
C GLN B 42 -5.68 -10.80 19.79
N VAL B 43 -6.23 -10.33 18.66
CA VAL B 43 -7.67 -10.33 18.43
C VAL B 43 -8.18 -11.76 18.32
N GLY B 44 -7.58 -12.53 17.44
CA GLY B 44 -8.12 -13.81 17.02
C GLY B 44 -7.69 -14.97 17.89
N LYS B 45 -7.75 -14.77 19.22
N LYS B 45 -7.79 -14.80 19.21
CA LYS B 45 -7.64 -15.89 20.15
CA LYS B 45 -7.52 -15.90 20.13
C LYS B 45 -8.60 -16.99 19.76
C LYS B 45 -8.54 -17.02 19.92
N GLY B 46 -8.07 -18.19 19.50
CA GLY B 46 -8.91 -19.35 19.23
C GLY B 46 -8.85 -19.89 17.81
N GLY B 47 -8.07 -19.29 16.90
CA GLY B 47 -7.93 -19.76 15.53
C GLY B 47 -8.59 -18.88 14.49
N GLY B 48 -9.66 -18.17 14.87
CA GLY B 48 -10.34 -17.23 14.00
C GLY B 48 -11.24 -16.31 14.79
N SER B 49 -11.79 -15.30 14.09
CA SER B 49 -12.79 -14.38 14.64
C SER B 49 -13.32 -13.43 13.56
N VAL B 50 -13.59 -12.16 13.90
CA VAL B 50 -14.20 -11.21 12.97
C VAL B 50 -13.26 -10.03 12.75
N CYS B 51 -13.21 -9.55 11.51
CA CYS B 51 -12.33 -8.42 11.17
C CYS B 51 -12.66 -7.19 12.01
N PRO B 52 -11.67 -6.61 12.71
CA PRO B 52 -11.89 -5.34 13.39
C PRO B 52 -12.47 -4.23 12.53
N VAL B 53 -12.15 -4.19 11.25
CA VAL B 53 -12.56 -3.05 10.44
C VAL B 53 -13.94 -3.30 9.82
N CYS B 54 -14.17 -4.48 9.25
CA CYS B 54 -15.37 -4.65 8.44
C CYS B 54 -16.27 -5.76 8.93
N ARG B 55 -15.82 -6.52 9.93
CA ARG B 55 -16.52 -7.61 10.59
C ARG B 55 -16.51 -8.90 9.78
N GLN B 56 -15.79 -8.98 8.67
CA GLN B 56 -15.74 -10.22 7.90
C GLN B 56 -15.02 -11.30 8.70
N ARG B 57 -15.57 -12.51 8.70
CA ARG B 57 -14.93 -13.66 9.34
C ARG B 57 -13.56 -13.97 8.75
N PHE B 58 -12.61 -14.20 9.64
CA PHE B 58 -11.27 -14.60 9.23
C PHE B 58 -10.80 -15.77 10.08
N LEU B 59 -9.84 -16.51 9.52
CA LEU B 59 -9.13 -17.56 10.22
C LEU B 59 -7.64 -17.26 10.18
N LEU B 60 -6.96 -17.51 11.29
CA LEU B 60 -5.53 -17.21 11.37
C LEU B 60 -4.73 -18.10 10.42
N LYS B 61 -5.25 -19.26 10.03
CA LYS B 61 -4.54 -20.07 9.03
C LYS B 61 -4.49 -19.37 7.68
N ASN B 62 -5.40 -18.43 7.40
CA ASN B 62 -5.47 -17.79 6.10
C ASN B 62 -4.73 -16.47 6.04
N LEU B 63 -4.01 -16.13 7.11
CA LEU B 63 -3.14 -14.96 7.08
C LEU B 63 -2.24 -15.00 5.85
N ARG B 64 -1.96 -13.82 5.33
CA ARG B 64 -1.09 -13.67 4.22
C ARG B 64 -0.27 -12.42 4.48
N PRO B 65 1.06 -12.47 4.30
CA PRO B 65 1.88 -11.27 4.52
C PRO B 65 1.54 -10.21 3.49
N ASN B 66 1.54 -8.96 3.93
CA ASN B 66 1.34 -7.84 3.03
C ASN B 66 2.71 -7.31 2.65
N ARG B 67 3.32 -7.95 1.64
CA ARG B 67 4.67 -7.60 1.25
C ARG B 67 4.77 -6.14 0.80
N GLN B 68 3.77 -5.65 0.08
CA GLN B 68 3.82 -4.25 -0.33
C GLN B 68 3.85 -3.32 0.88
N LEU B 69 3.02 -3.61 1.89
CA LEU B 69 2.91 -2.73 3.06
C LEU B 69 4.18 -2.78 3.92
N ALA B 70 4.67 -3.98 4.23
CA ALA B 70 5.97 -4.10 4.89
C ALA B 70 7.04 -3.36 4.12
N ASN B 71 7.00 -3.44 2.78
CA ASN B 71 8.02 -2.81 1.97
C ASN B 71 7.98 -1.30 2.07
N MET B 72 6.82 -0.73 2.28
CA MET B 72 6.70 0.71 2.26
C MET B 72 6.97 1.33 3.61
N VAL B 73 6.71 0.62 4.71
CA VAL B 73 6.96 1.20 6.03
C VAL B 73 8.44 1.42 6.25
N ASN B 74 9.29 0.51 5.76
CA ASN B 74 10.70 0.74 5.97
C ASN B 74 11.25 1.83 5.06
N ASN B 75 10.70 1.98 3.84
CA ASN B 75 11.10 3.10 3.00
C ASN B 75 10.78 4.44 3.64
N LEU B 76 9.80 4.47 4.53
CA LEU B 76 9.48 5.69 5.25
C LEU B 76 10.25 5.81 6.54
N LYS B 77 10.52 4.69 7.20
CA LYS B 77 11.48 4.74 8.30
C LYS B 77 12.83 5.26 7.83
N GLU B 78 13.26 4.84 6.64
CA GLU B 78 14.53 5.31 6.09
C GLU B 78 14.51 6.81 5.87
N ILE B 79 13.38 7.35 5.41
CA ILE B 79 13.32 8.73 4.93
C ILE B 79 13.34 9.72 6.09
N SER B 80 12.77 9.37 7.23
CA SER B 80 12.56 10.37 8.28
C SER B 80 13.69 10.45 9.29
N GLN B 81 14.70 9.58 9.20
CA GLN B 81 15.94 9.75 9.97
C GLN B 81 16.85 10.84 9.38
N GLU B 82 16.30 11.53 8.38
CA GLU B 82 16.88 12.71 7.73
C GLU B 82 18.40 12.76 7.77
N ALA C 5 13.10 18.81 3.03
CA ALA C 5 12.18 19.13 1.93
C ALA C 5 11.27 17.95 1.59
N ARG C 6 10.46 18.12 0.54
CA ARG C 6 9.57 17.07 0.10
C ARG C 6 10.30 16.07 -0.82
N LEU C 7 9.74 14.86 -0.90
CA LEU C 7 10.27 13.79 -1.74
C LEU C 7 9.11 13.03 -2.37
N THR C 8 9.30 12.55 -3.60
CA THR C 8 8.29 11.75 -4.26
C THR C 8 8.58 10.25 -4.19
N MET C 9 9.44 9.82 -3.25
CA MET C 9 9.54 8.40 -2.95
C MET C 9 8.18 7.83 -2.55
N MET C 10 7.37 8.65 -1.89
CA MET C 10 5.96 8.35 -1.67
C MET C 10 5.32 7.63 -2.85
N TRP C 11 5.40 8.22 -4.05
CA TRP C 11 4.64 7.74 -5.20
C TRP C 11 5.21 6.43 -5.74
N GLU C 12 6.53 6.26 -5.67
CA GLU C 12 7.17 5.08 -6.22
C GLU C 12 6.63 3.81 -5.56
N GLU C 13 6.41 3.85 -4.25
CA GLU C 13 6.03 2.61 -3.58
C GLU C 13 4.53 2.34 -3.59
N VAL C 14 3.71 3.24 -4.15
CA VAL C 14 2.31 2.93 -4.46
C VAL C 14 2.14 2.81 -5.97
N THR C 15 3.22 2.46 -6.67
CA THR C 15 3.17 2.19 -8.10
C THR C 15 3.13 0.68 -8.34
N CYS C 16 2.15 0.24 -9.12
CA CYS C 16 2.06 -1.17 -9.55
C CYS C 16 3.24 -1.49 -10.46
N PRO C 17 3.96 -2.60 -10.23
CA PRO C 17 5.18 -2.87 -11.03
C PRO C 17 4.89 -3.26 -12.50
N ILE C 18 3.64 -3.58 -12.84
CA ILE C 18 3.28 -3.96 -14.20
C ILE C 18 2.93 -2.74 -15.07
N CYS C 19 1.90 -1.97 -14.67
CA CYS C 19 1.52 -0.82 -15.48
C CYS C 19 2.35 0.44 -15.18
N LEU C 20 3.10 0.45 -14.08
CA LEU C 20 3.90 1.59 -13.60
C LEU C 20 3.02 2.81 -13.31
N ASP C 21 1.75 2.59 -13.03
CA ASP C 21 0.98 3.72 -12.55
C ASP C 21 0.49 3.44 -11.13
N PRO C 22 -0.07 4.43 -10.43
CA PRO C 22 -0.62 4.15 -9.08
C PRO C 22 -1.64 3.01 -9.12
N PHE C 23 -1.63 2.17 -8.08
CA PHE C 23 -2.48 0.98 -8.06
C PHE C 23 -3.95 1.36 -8.27
N VAL C 24 -4.63 0.70 -9.18
CA VAL C 24 -6.08 0.84 -9.25
C VAL C 24 -6.70 -0.53 -8.99
N GLU C 25 -7.60 -0.57 -8.00
CA GLU C 25 -8.20 -1.79 -7.48
C GLU C 25 -7.14 -2.84 -7.17
N PRO C 26 -6.24 -2.57 -6.23
CA PRO C 26 -5.12 -3.48 -5.97
C PRO C 26 -5.59 -4.76 -5.33
N VAL C 27 -4.99 -5.86 -5.74
CA VAL C 27 -5.26 -7.16 -5.16
C VAL C 27 -3.94 -7.82 -4.76
N SER C 28 -4.00 -8.64 -3.73
CA SER C 28 -2.83 -9.41 -3.35
C SER C 28 -2.97 -10.84 -3.86
N ILE C 29 -1.84 -11.45 -4.20
CA ILE C 29 -1.81 -12.88 -4.49
C ILE C 29 -1.19 -13.66 -3.32
N GLU C 30 -1.11 -14.99 -3.46
CA GLU C 30 -0.72 -15.88 -2.36
C GLU C 30 0.53 -15.41 -1.64
N CYS C 31 1.58 -15.08 -2.40
CA CYS C 31 2.85 -14.64 -1.82
C CYS C 31 2.71 -13.36 -1.03
N GLY C 32 1.63 -12.59 -1.24
CA GLY C 32 1.47 -11.33 -0.57
C GLY C 32 1.93 -10.11 -1.34
N HIS C 33 2.35 -10.29 -2.58
CA HIS C 33 2.69 -9.19 -3.46
C HIS C 33 1.41 -8.61 -4.08
N SER C 34 1.39 -7.29 -4.26
CA SER C 34 0.19 -6.58 -4.73
C SER C 34 0.33 -6.05 -6.15
N PHE C 35 -0.78 -6.07 -6.89
CA PHE C 35 -0.89 -5.62 -8.27
C PHE C 35 -2.30 -5.06 -8.51
N CYS C 36 -2.42 -4.18 -9.53
CA CYS C 36 -3.74 -3.86 -10.09
C CYS C 36 -4.45 -5.14 -10.48
N GLN C 37 -5.72 -5.25 -10.10
CA GLN C 37 -6.55 -6.38 -10.53
C GLN C 37 -6.39 -6.65 -12.03
N GLU C 38 -6.47 -5.61 -12.86
CA GLU C 38 -6.42 -5.84 -14.30
C GLU C 38 -5.05 -6.34 -14.76
N CYS C 39 -3.98 -5.89 -14.13
CA CYS C 39 -2.64 -6.25 -14.57
C CYS C 39 -2.30 -7.69 -14.19
N ILE C 40 -2.59 -8.07 -12.96
CA ILE C 40 -2.24 -9.43 -12.58
C ILE C 40 -3.18 -10.44 -13.25
N SER C 41 -4.42 -10.05 -13.59
CA SER C 41 -5.30 -10.96 -14.30
C SER C 41 -4.87 -11.11 -15.74
N GLN C 42 -4.26 -10.07 -16.31
CA GLN C 42 -3.59 -10.21 -17.59
C GLN C 42 -2.48 -11.25 -17.47
N VAL C 43 -1.71 -11.19 -16.39
CA VAL C 43 -0.62 -12.16 -16.17
C VAL C 43 -1.16 -13.57 -16.01
N GLY C 44 -2.24 -13.73 -15.23
CA GLY C 44 -2.73 -15.04 -14.88
C GLY C 44 -3.78 -15.60 -15.80
N LYS C 45 -3.65 -15.34 -17.11
CA LYS C 45 -4.61 -15.86 -18.08
C LYS C 45 -4.72 -17.39 -18.03
N GLY C 46 -5.95 -17.88 -18.04
CA GLY C 46 -6.21 -19.29 -17.87
C GLY C 46 -6.44 -19.72 -16.43
N GLY C 47 -6.51 -18.78 -15.49
CA GLY C 47 -6.69 -19.11 -14.10
C GLY C 47 -5.43 -19.16 -13.24
N GLY C 48 -4.24 -19.02 -13.83
CA GLY C 48 -3.05 -19.04 -13.01
C GLY C 48 -1.80 -18.70 -13.78
N SER C 49 -0.74 -18.37 -13.02
CA SER C 49 0.63 -18.24 -13.49
C SER C 49 1.53 -18.04 -12.29
N VAL C 50 2.64 -17.33 -12.45
CA VAL C 50 3.60 -17.12 -11.38
C VAL C 50 3.73 -15.63 -11.14
N CYS C 51 4.16 -15.28 -9.94
CA CYS C 51 4.24 -13.88 -9.50
C CYS C 51 5.28 -13.12 -10.29
N PRO C 52 4.96 -11.94 -10.81
CA PRO C 52 5.99 -11.15 -11.51
C PRO C 52 7.21 -10.83 -10.69
N VAL C 53 7.13 -10.69 -9.37
CA VAL C 53 8.29 -10.23 -8.61
C VAL C 53 9.02 -11.37 -7.92
N CYS C 54 8.28 -12.37 -7.43
CA CYS C 54 8.84 -13.45 -6.64
C CYS C 54 8.73 -14.80 -7.34
N ARG C 55 7.92 -14.90 -8.39
CA ARG C 55 7.69 -16.09 -9.18
C ARG C 55 7.08 -17.23 -8.39
N GLN C 56 6.66 -17.01 -7.16
CA GLN C 56 5.84 -18.03 -6.52
C GLN C 56 4.55 -18.20 -7.32
N ARG C 57 4.04 -19.42 -7.37
CA ARG C 57 2.83 -19.65 -8.14
C ARG C 57 1.62 -19.00 -7.46
N PHE C 58 0.65 -18.64 -8.28
CA PHE C 58 -0.61 -18.07 -7.80
C PHE C 58 -1.74 -18.50 -8.71
N LEU C 59 -2.97 -18.41 -8.19
CA LEU C 59 -4.19 -18.56 -8.97
C LEU C 59 -5.12 -17.40 -8.66
N LEU C 60 -5.86 -16.95 -9.67
CA LEU C 60 -6.78 -15.85 -9.44
C LEU C 60 -8.04 -16.29 -8.71
N LYS C 61 -8.19 -17.59 -8.44
CA LYS C 61 -9.18 -18.05 -7.49
C LYS C 61 -9.02 -17.34 -6.16
N ASN C 62 -7.77 -17.08 -5.77
CA ASN C 62 -7.48 -16.56 -4.45
C ASN C 62 -7.01 -15.11 -4.49
N LEU C 63 -7.40 -14.35 -5.51
CA LEU C 63 -7.26 -12.90 -5.45
C LEU C 63 -7.90 -12.39 -4.17
N ARG C 64 -7.24 -11.43 -3.56
CA ARG C 64 -7.72 -10.80 -2.36
C ARG C 64 -7.53 -9.29 -2.54
N PRO C 65 -8.57 -8.48 -2.34
CA PRO C 65 -8.38 -7.01 -2.42
C PRO C 65 -7.41 -6.54 -1.33
N ASN C 66 -6.54 -5.60 -1.67
CA ASN C 66 -5.65 -4.98 -0.69
C ASN C 66 -6.33 -3.69 -0.25
N ARG C 67 -7.14 -3.77 0.81
N ARG C 67 -7.12 -3.76 0.83
CA ARG C 67 -7.96 -2.63 1.24
CA ARG C 67 -7.94 -2.61 1.21
C ARG C 67 -7.09 -1.50 1.77
C ARG C 67 -7.10 -1.49 1.79
N GLN C 68 -6.05 -1.82 2.55
CA GLN C 68 -5.16 -0.78 3.04
C GLN C 68 -4.58 0.01 1.88
N LEU C 69 -4.16 -0.70 0.83
CA LEU C 69 -3.51 -0.07 -0.32
C LEU C 69 -4.51 0.74 -1.15
N ALA C 70 -5.70 0.19 -1.36
CA ALA C 70 -6.78 0.91 -2.03
C ALA C 70 -7.04 2.24 -1.34
N ASN C 71 -7.15 2.22 0.00
CA ASN C 71 -7.51 3.43 0.71
C ASN C 71 -6.39 4.45 0.66
N MET C 72 -5.15 3.96 0.71
CA MET C 72 -4.02 4.87 0.72
C MET C 72 -3.83 5.52 -0.64
N VAL C 73 -3.92 4.74 -1.72
CA VAL C 73 -3.77 5.29 -3.05
C VAL C 73 -4.79 6.40 -3.29
N ASN C 74 -6.07 6.10 -2.99
CA ASN C 74 -7.14 7.07 -3.13
C ASN C 74 -6.85 8.36 -2.36
N ASN C 75 -6.45 8.24 -1.08
CA ASN C 75 -6.21 9.43 -0.27
C ASN C 75 -5.08 10.27 -0.85
N LEU C 76 -4.07 9.61 -1.41
CA LEU C 76 -2.91 10.33 -1.96
C LEU C 76 -3.25 10.99 -3.29
N LYS C 77 -4.18 10.42 -4.05
CA LYS C 77 -4.67 11.09 -5.24
C LYS C 77 -5.29 12.44 -4.87
N GLU C 78 -6.06 12.48 -3.77
CA GLU C 78 -6.69 13.73 -3.31
C GLU C 78 -5.64 14.78 -2.97
N ILE C 79 -4.62 14.40 -2.19
CA ILE C 79 -3.57 15.36 -1.82
C ILE C 79 -2.88 15.87 -3.06
N SER C 80 -2.74 15.04 -4.09
CA SER C 80 -2.01 15.38 -5.30
C SER C 80 -2.89 16.03 -6.36
N GLN C 81 -4.20 16.12 -6.13
CA GLN C 81 -5.11 16.76 -7.08
C GLN C 81 -4.80 18.25 -7.15
N GLU C 82 -4.37 18.72 -8.33
CA GLU C 82 -3.88 20.08 -8.48
C GLU C 82 -4.47 20.73 -9.71
N ALA C 83 -4.74 22.03 -9.60
CA ALA C 83 -5.23 22.83 -10.72
C ALA C 83 -4.10 23.12 -11.70
N ARG C 84 -4.40 23.01 -13.00
CA ARG C 84 -3.42 23.29 -14.04
C ARG C 84 -3.78 24.39 -15.03
N SER D 1 -6.94 0.39 -26.20
CA SER D 1 -6.81 0.29 -24.75
C SER D 1 -5.56 -0.45 -24.34
N HIS D 2 -5.34 -1.70 -24.80
CA HIS D 2 -4.08 -2.37 -24.50
C HIS D 2 -2.92 -1.44 -24.81
N MET D 3 -2.89 -0.92 -26.02
CA MET D 3 -1.76 -0.11 -26.45
C MET D 3 -1.74 1.25 -25.77
N ALA D 4 -2.89 1.79 -25.35
CA ALA D 4 -2.87 3.02 -24.56
C ALA D 4 -2.10 2.82 -23.25
N SER D 5 -2.46 1.76 -22.50
CA SER D 5 -1.72 1.40 -21.29
C SER D 5 -0.29 0.99 -21.59
N MET D 6 -0.04 0.36 -22.73
CA MET D 6 1.32 0.02 -23.08
C MET D 6 2.12 1.27 -23.42
N GLN D 7 1.48 2.24 -24.08
CA GLN D 7 2.13 3.50 -24.41
C GLN D 7 2.44 4.29 -23.16
N LYS D 8 1.50 4.29 -22.20
CA LYS D 8 1.70 4.99 -20.93
C LYS D 8 2.95 4.47 -20.22
N ARG D 9 3.04 3.14 -20.06
CA ARG D 9 4.20 2.57 -19.41
C ARG D 9 5.49 2.92 -20.14
N LEU D 10 5.50 2.72 -21.47
CA LEU D 10 6.68 2.95 -22.27
C LEU D 10 7.12 4.41 -22.22
N GLN D 11 6.16 5.33 -22.09
CA GLN D 11 6.50 6.75 -21.98
C GLN D 11 7.20 7.02 -20.67
N LYS D 12 6.73 6.41 -19.58
CA LYS D 12 7.38 6.62 -18.30
C LYS D 12 8.78 6.02 -18.26
N GLU D 13 8.96 4.86 -18.89
CA GLU D 13 10.27 4.22 -18.98
C GLU D 13 11.24 5.04 -19.80
N LEU D 14 10.77 5.65 -20.89
CA LEU D 14 11.66 6.48 -21.71
C LEU D 14 12.06 7.75 -20.99
N LEU D 15 11.15 8.32 -20.21
CA LEU D 15 11.53 9.47 -19.41
C LEU D 15 12.63 9.11 -18.43
N ALA D 16 12.50 7.97 -17.75
CA ALA D 16 13.51 7.54 -16.79
C ALA D 16 14.87 7.33 -17.46
N LEU D 17 14.90 6.74 -18.66
CA LEU D 17 16.17 6.53 -19.34
C LEU D 17 16.79 7.85 -19.78
N GLN D 18 15.97 8.82 -20.21
CA GLN D 18 16.55 10.09 -20.61
C GLN D 18 17.03 10.89 -19.41
N ASN D 19 16.39 10.75 -18.25
CA ASN D 19 16.71 11.57 -17.11
C ASN D 19 17.68 10.93 -16.12
N ASP D 20 17.75 9.61 -16.09
CA ASP D 20 18.69 8.90 -15.21
C ASP D 20 19.12 7.62 -15.91
N PRO D 21 19.98 7.72 -16.92
CA PRO D 21 20.39 6.54 -17.66
C PRO D 21 21.30 5.66 -16.82
N PRO D 22 21.30 4.35 -17.07
CA PRO D 22 22.27 3.48 -16.41
C PRO D 22 23.68 3.87 -16.80
N PRO D 23 24.66 3.51 -15.98
CA PRO D 23 26.04 3.91 -16.28
C PRO D 23 26.47 3.46 -17.67
N GLY D 24 27.05 4.38 -18.42
CA GLY D 24 27.61 4.06 -19.71
C GLY D 24 26.61 3.95 -20.84
N MET D 25 25.40 4.45 -20.65
CA MET D 25 24.33 4.32 -21.61
C MET D 25 23.65 5.66 -21.82
N THR D 26 23.17 5.83 -23.03
CA THR D 26 22.58 7.06 -23.51
C THR D 26 21.56 6.64 -24.54
N LEU D 27 20.43 7.34 -24.59
CA LEU D 27 19.44 7.00 -25.59
C LEU D 27 19.64 7.95 -26.75
N ASN D 28 19.43 7.43 -27.94
CA ASN D 28 19.76 8.10 -29.18
C ASN D 28 18.47 8.78 -29.64
N GLU D 29 18.43 10.11 -29.50
CA GLU D 29 17.22 10.87 -29.75
C GLU D 29 17.08 11.36 -31.18
N LYS D 30 18.16 11.29 -31.98
CA LYS D 30 18.07 11.51 -33.42
C LYS D 30 17.24 10.44 -34.10
N SER D 31 16.87 9.40 -33.35
CA SER D 31 15.88 8.40 -33.74
C SER D 31 14.52 8.75 -33.16
N VAL D 32 13.92 9.86 -33.60
CA VAL D 32 12.62 10.26 -33.01
C VAL D 32 11.52 9.93 -34.01
N GLN D 33 10.98 8.74 -33.83
CA GLN D 33 9.68 8.28 -34.32
C GLN D 33 8.71 8.26 -33.14
N ASN D 34 8.61 9.41 -32.43
CA ASN D 34 7.64 9.64 -31.36
C ASN D 34 7.67 8.56 -30.28
N SER D 35 8.83 7.90 -30.22
CA SER D 35 9.22 6.81 -29.29
C SER D 35 8.06 5.96 -28.77
N ILE D 36 7.29 5.39 -29.68
CA ILE D 36 6.20 4.49 -29.30
C ILE D 36 6.46 3.04 -29.70
N THR D 37 7.63 2.72 -30.30
CA THR D 37 7.87 1.29 -30.48
C THR D 37 9.33 0.82 -30.61
N GLN D 38 10.26 1.61 -31.15
CA GLN D 38 11.63 1.13 -31.18
C GLN D 38 12.58 2.26 -30.84
N TRP D 39 13.51 2.02 -29.92
CA TRP D 39 14.51 3.03 -29.67
C TRP D 39 15.90 2.41 -29.56
N ILE D 40 16.89 3.25 -29.78
CA ILE D 40 18.29 2.86 -29.87
C ILE D 40 19.04 3.45 -28.68
N VAL D 41 19.84 2.63 -28.01
CA VAL D 41 20.56 3.05 -26.83
C VAL D 41 22.05 2.98 -27.16
N ASP D 42 22.75 4.10 -27.05
CA ASP D 42 24.20 4.09 -27.19
C ASP D 42 24.79 3.58 -25.88
N MET D 43 25.72 2.63 -25.97
CA MET D 43 26.33 2.11 -24.79
C MET D 43 27.83 1.95 -24.97
N GLU D 44 28.59 2.39 -24.00
CA GLU D 44 30.04 2.33 -24.06
C GLU D 44 30.53 1.26 -23.08
N GLY D 45 31.55 0.51 -23.50
CA GLY D 45 32.14 -0.51 -22.65
C GLY D 45 32.74 0.04 -21.37
N ALA D 46 32.83 -0.80 -20.37
CA ALA D 46 33.23 -0.18 -19.11
C ALA D 46 34.73 -0.25 -18.91
N PRO D 47 35.28 0.67 -18.12
CA PRO D 47 36.72 0.63 -17.80
C PRO D 47 37.11 -0.65 -17.10
N GLY D 48 38.29 -1.17 -17.43
CA GLY D 48 38.73 -2.34 -16.73
C GLY D 48 38.08 -3.62 -17.20
N THR D 49 37.35 -3.60 -18.29
CA THR D 49 36.73 -4.78 -18.82
C THR D 49 37.27 -5.06 -20.21
N LEU D 50 36.81 -6.17 -20.80
CA LEU D 50 37.21 -6.55 -22.15
C LEU D 50 36.69 -5.59 -23.21
N TYR D 51 35.82 -4.67 -22.84
CA TYR D 51 35.20 -3.77 -23.81
C TYR D 51 35.53 -2.31 -23.53
N GLU D 52 36.58 -2.07 -22.75
CA GLU D 52 37.03 -0.72 -22.48
C GLU D 52 37.24 0.00 -23.80
N GLY D 53 36.65 1.20 -23.91
CA GLY D 53 36.84 2.05 -25.07
C GLY D 53 35.87 1.82 -26.21
N GLU D 54 35.17 0.69 -26.23
CA GLU D 54 34.31 0.37 -27.35
C GLU D 54 32.95 1.06 -27.23
N LYS D 55 32.40 1.48 -28.36
CA LYS D 55 31.07 2.08 -28.40
C LYS D 55 30.11 1.12 -29.09
N PHE D 56 29.04 0.74 -28.40
CA PHE D 56 28.03 -0.15 -28.96
C PHE D 56 26.68 0.55 -29.03
N GLN D 57 25.75 -0.07 -29.75
CA GLN D 57 24.38 0.42 -29.84
C GLN D 57 23.44 -0.76 -29.64
N LEU D 58 22.44 -0.57 -28.79
CA LEU D 58 21.40 -1.56 -28.50
C LEU D 58 20.08 -1.14 -29.12
N LEU D 59 19.42 -2.09 -29.76
CA LEU D 59 18.09 -1.87 -30.31
C LEU D 59 17.04 -2.55 -29.44
N PHE D 60 16.02 -1.78 -29.05
CA PHE D 60 14.88 -2.29 -28.30
C PHE D 60 13.65 -2.26 -29.19
N LYS D 61 13.04 -3.41 -29.39
CA LYS D 61 11.80 -3.52 -30.16
C LYS D 61 10.70 -4.04 -29.23
N PHE D 62 9.60 -3.32 -29.15
CA PHE D 62 8.50 -3.61 -28.25
C PHE D 62 7.31 -4.13 -29.05
N SER D 63 6.83 -5.31 -28.70
CA SER D 63 5.70 -5.89 -29.39
C SER D 63 4.41 -5.41 -28.74
N SER D 64 3.28 -5.76 -29.38
CA SER D 64 1.97 -5.29 -28.95
C SER D 64 1.59 -5.81 -27.57
N ARG D 65 2.23 -6.90 -27.12
CA ARG D 65 1.96 -7.48 -25.82
C ARG D 65 2.98 -7.08 -24.74
N TYR D 66 3.98 -6.26 -25.06
CA TYR D 66 4.81 -5.70 -24.00
C TYR D 66 3.91 -5.00 -22.98
N PRO D 67 4.16 -5.16 -21.66
CA PRO D 67 5.33 -5.81 -21.03
C PRO D 67 5.13 -7.27 -20.64
N PHE D 68 4.01 -7.89 -21.05
CA PHE D 68 3.75 -9.28 -20.69
C PHE D 68 4.59 -10.21 -21.53
N LYS D 69 4.98 -9.76 -22.74
CA LYS D 69 6.05 -10.39 -23.48
C LYS D 69 7.28 -9.48 -23.45
N SER D 70 8.41 -10.07 -23.54
CA SER D 70 9.64 -9.35 -23.43
C SER D 70 9.91 -8.60 -24.74
N PRO D 71 10.58 -7.46 -24.65
CA PRO D 71 11.00 -6.79 -25.88
C PRO D 71 12.04 -7.61 -26.61
N GLN D 72 12.18 -7.32 -27.91
N GLN D 72 12.17 -7.32 -27.91
CA GLN D 72 13.31 -7.81 -28.67
CA GLN D 72 13.29 -7.79 -28.69
C GLN D 72 14.46 -6.83 -28.45
C GLN D 72 14.46 -6.83 -28.47
N VAL D 73 15.63 -7.37 -28.13
CA VAL D 73 16.79 -6.56 -27.81
C VAL D 73 18.00 -7.16 -28.52
N MET D 74 18.78 -6.31 -29.18
CA MET D 74 19.98 -6.76 -29.90
C MET D 74 21.01 -5.64 -29.98
N PHE D 75 22.24 -6.04 -30.23
CA PHE D 75 23.25 -5.10 -30.63
C PHE D 75 23.11 -4.91 -32.13
N THR D 76 23.31 -3.67 -32.57
CA THR D 76 23.39 -3.34 -33.98
C THR D 76 24.39 -2.21 -34.18
N GLY D 77 24.45 -1.72 -35.41
CA GLY D 77 25.55 -0.90 -35.82
C GLY D 77 26.62 -1.83 -36.31
N GLU D 78 27.80 -1.29 -36.60
CA GLU D 78 28.84 -2.17 -37.11
C GLU D 78 29.91 -2.54 -36.08
N ASN D 79 29.83 -2.03 -34.86
CA ASN D 79 30.67 -2.54 -33.76
C ASN D 79 29.80 -3.36 -32.82
N ILE D 80 29.90 -4.69 -32.94
CA ILE D 80 29.15 -5.65 -32.15
C ILE D 80 30.12 -6.37 -31.22
N PRO D 81 29.89 -6.37 -29.89
CA PRO D 81 30.87 -6.94 -28.97
C PRO D 81 31.11 -8.41 -29.29
N VAL D 82 32.34 -8.83 -29.03
CA VAL D 82 32.73 -10.23 -29.14
C VAL D 82 32.55 -10.83 -27.76
N HIS D 83 31.56 -11.72 -27.63
CA HIS D 83 31.08 -12.15 -26.33
C HIS D 83 30.37 -13.49 -26.47
N PRO D 84 30.56 -14.43 -25.53
CA PRO D 84 30.01 -15.79 -25.74
C PRO D 84 28.49 -15.87 -25.81
N HIS D 85 27.76 -14.82 -25.42
CA HIS D 85 26.31 -14.77 -25.43
C HIS D 85 25.77 -13.75 -26.42
N VAL D 86 26.62 -13.24 -27.30
CA VAL D 86 26.19 -12.33 -28.35
C VAL D 86 26.62 -12.89 -29.70
N TYR D 87 25.67 -12.96 -30.64
CA TYR D 87 26.00 -13.46 -31.95
C TYR D 87 26.61 -12.34 -32.82
N SER D 88 27.30 -12.75 -33.88
CA SER D 88 27.95 -11.83 -34.81
C SER D 88 26.99 -10.82 -35.40
N ASN D 89 25.75 -11.24 -35.66
CA ASN D 89 24.72 -10.34 -36.16
C ASN D 89 24.07 -9.49 -35.06
N GLY D 90 24.57 -9.57 -33.80
CA GLY D 90 24.08 -8.76 -32.70
C GLY D 90 23.01 -9.37 -31.80
N HIS D 91 22.41 -10.50 -32.17
CA HIS D 91 21.46 -11.19 -31.30
C HIS D 91 22.15 -11.62 -30.00
N ILE D 92 21.37 -11.59 -28.93
CA ILE D 92 21.81 -11.70 -27.55
C ILE D 92 21.17 -12.94 -26.94
N LYS D 93 21.97 -13.77 -26.28
CA LYS D 93 21.48 -14.97 -25.57
C LYS D 93 21.34 -14.64 -24.09
N LEU D 94 20.12 -14.23 -23.72
CA LEU D 94 19.80 -13.82 -22.33
C LEU D 94 18.36 -14.20 -22.04
N SER D 95 18.14 -15.17 -21.17
CA SER D 95 16.78 -15.64 -20.92
C SER D 95 15.87 -14.67 -20.19
N ILE D 96 16.38 -13.63 -19.51
CA ILE D 96 15.39 -12.71 -18.97
C ILE D 96 14.66 -12.12 -20.15
N LEU D 97 15.29 -12.14 -21.35
CA LEU D 97 14.57 -11.87 -22.57
C LEU D 97 13.77 -13.09 -23.03
N THR D 98 13.80 -14.18 -22.26
CA THR D 98 13.02 -15.32 -22.73
C THR D 98 12.13 -15.90 -21.63
N GLU D 99 12.64 -16.87 -20.86
CA GLU D 99 11.77 -17.58 -19.93
C GLU D 99 11.98 -17.16 -18.48
N ASP D 100 12.97 -16.32 -18.20
CA ASP D 100 13.02 -15.56 -16.97
C ASP D 100 12.44 -14.16 -17.13
N TRP D 101 11.77 -13.87 -18.25
CA TRP D 101 11.09 -12.59 -18.40
C TRP D 101 9.90 -12.48 -17.47
N SER D 102 9.80 -11.37 -16.75
CA SER D 102 8.52 -11.09 -16.12
C SER D 102 8.11 -9.67 -16.45
N PRO D 103 6.81 -9.41 -16.49
CA PRO D 103 6.31 -8.04 -16.73
C PRO D 103 6.85 -7.03 -15.75
N ALA D 104 7.27 -7.45 -14.56
CA ALA D 104 7.84 -6.51 -13.61
C ALA D 104 9.25 -6.07 -13.98
N LEU D 105 9.87 -6.67 -15.00
CA LEU D 105 11.14 -6.16 -15.46
C LEU D 105 10.91 -4.99 -16.41
N SER D 106 11.95 -4.16 -16.54
CA SER D 106 11.90 -2.89 -17.23
C SER D 106 13.04 -2.84 -18.24
N VAL D 107 13.00 -1.83 -19.10
CA VAL D 107 14.17 -1.47 -19.89
C VAL D 107 15.37 -1.24 -18.99
N GLN D 108 15.16 -0.52 -17.88
CA GLN D 108 16.27 -0.25 -16.98
C GLN D 108 16.92 -1.54 -16.49
N SER D 109 16.11 -2.53 -16.10
CA SER D 109 16.64 -3.77 -15.57
C SER D 109 17.33 -4.59 -16.66
N VAL D 110 16.79 -4.57 -17.89
CA VAL D 110 17.43 -5.25 -19.00
C VAL D 110 18.78 -4.58 -19.33
N CYS D 111 18.83 -3.24 -19.32
CA CYS D 111 20.09 -2.52 -19.55
C CYS D 111 21.16 -2.90 -18.52
N LEU D 112 20.78 -2.95 -17.24
CA LEU D 112 21.72 -3.33 -16.20
C LEU D 112 22.26 -4.74 -16.40
N SER D 113 21.39 -5.66 -16.86
CA SER D 113 21.78 -7.05 -17.08
C SER D 113 22.73 -7.17 -18.26
N ILE D 114 22.48 -6.41 -19.32
CA ILE D 114 23.41 -6.39 -20.45
C ILE D 114 24.76 -5.84 -19.99
N ILE D 115 24.75 -4.73 -19.25
CA ILE D 115 26.00 -4.17 -18.70
C ILE D 115 26.70 -5.17 -17.79
N SER D 116 25.93 -5.78 -16.88
CA SER D 116 26.51 -6.79 -16.01
C SER D 116 27.11 -7.93 -16.82
N MET D 117 26.48 -8.28 -17.95
CA MET D 117 26.96 -9.39 -18.77
C MET D 117 28.26 -9.04 -19.48
N LEU D 118 28.37 -7.83 -20.01
CA LEU D 118 29.63 -7.40 -20.61
C LEU D 118 30.77 -7.44 -19.63
N SER D 119 30.60 -6.84 -18.44
CA SER D 119 31.76 -6.70 -17.59
C SER D 119 31.99 -7.90 -16.69
N SER D 120 31.02 -8.81 -16.63
CA SER D 120 31.23 -10.07 -15.94
C SER D 120 32.16 -10.96 -16.76
N CYS D 121 32.16 -10.79 -18.08
CA CYS D 121 32.76 -11.78 -18.97
C CYS D 121 34.29 -11.76 -18.87
N LYS D 122 34.88 -12.94 -18.70
CA LYS D 122 36.32 -13.14 -18.60
C LYS D 122 36.97 -13.71 -19.86
N GLU D 123 36.21 -14.07 -20.89
CA GLU D 123 36.77 -14.61 -22.13
C GLU D 123 36.14 -13.93 -23.34
N LYS D 124 36.95 -13.23 -24.14
CA LYS D 124 36.48 -12.53 -25.35
C LYS D 124 36.38 -13.57 -26.48
N ARG D 125 35.29 -14.31 -26.47
CA ARG D 125 35.07 -15.41 -27.40
C ARG D 125 33.67 -15.26 -28.00
N ARG D 126 33.47 -15.79 -29.18
CA ARG D 126 32.16 -15.78 -29.80
C ARG D 126 31.38 -17.01 -29.38
N PRO D 127 30.07 -17.05 -29.59
CA PRO D 127 29.30 -18.20 -29.07
C PRO D 127 29.64 -19.43 -29.89
N PRO D 128 29.69 -20.61 -29.27
CA PRO D 128 30.16 -21.79 -30.01
C PRO D 128 29.34 -22.12 -31.26
N ASP D 129 28.05 -21.78 -31.27
CA ASP D 129 27.16 -22.04 -32.38
C ASP D 129 27.07 -20.89 -33.38
N ASN D 130 28.04 -19.97 -33.34
CA ASN D 130 27.81 -18.69 -34.01
C ASN D 130 27.68 -18.86 -35.53
N SER D 131 28.63 -19.55 -36.16
CA SER D 131 28.62 -19.63 -37.62
C SER D 131 27.37 -20.35 -38.13
N PHE D 132 26.97 -21.43 -37.46
CA PHE D 132 25.69 -22.05 -37.81
C PHE D 132 24.55 -21.04 -37.68
N TYR D 133 24.43 -20.42 -36.51
CA TYR D 133 23.26 -19.61 -36.20
C TYR D 133 23.13 -18.43 -37.15
N VAL D 134 24.25 -17.83 -37.53
CA VAL D 134 24.15 -16.66 -38.38
C VAL D 134 23.90 -17.05 -39.85
N ARG D 135 24.39 -18.22 -40.27
CA ARG D 135 24.08 -18.66 -41.63
C ARG D 135 22.59 -18.95 -41.79
N THR D 136 21.99 -19.61 -40.80
CA THR D 136 20.54 -19.79 -40.84
C THR D 136 19.79 -18.46 -40.71
N CYS D 137 20.35 -17.45 -40.05
CA CYS D 137 19.59 -16.22 -39.89
C CYS D 137 19.60 -15.36 -41.15
N ASN D 138 20.51 -15.66 -42.09
CA ASN D 138 20.64 -14.98 -43.36
C ASN D 138 19.85 -15.65 -44.48
N LYS D 139 19.04 -16.66 -44.17
CA LYS D 139 18.15 -17.30 -45.13
C LYS D 139 16.67 -17.06 -44.83
N ASN D 140 16.32 -16.19 -43.84
CA ASN D 140 14.90 -16.09 -43.49
C ASN D 140 14.31 -14.79 -44.02
N PRO D 141 13.15 -14.88 -44.67
CA PRO D 141 12.49 -13.71 -45.29
C PRO D 141 11.57 -12.92 -44.35
N LYS D 142 12.14 -12.31 -43.31
CA LYS D 142 11.32 -11.48 -42.42
C LYS D 142 11.35 -9.99 -42.79
N LYS D 143 11.61 -9.65 -44.07
CA LYS D 143 12.06 -8.31 -44.47
C LYS D 143 11.05 -7.21 -44.09
N THR D 144 9.89 -7.16 -44.75
CA THR D 144 8.90 -6.29 -44.10
C THR D 144 8.13 -7.19 -43.12
N LYS D 145 8.39 -6.89 -41.86
CA LYS D 145 7.68 -7.36 -40.73
C LYS D 145 6.62 -6.30 -40.53
N TRP D 146 5.39 -6.73 -40.34
CA TRP D 146 4.46 -5.77 -39.79
C TRP D 146 4.73 -5.71 -38.30
N TRP D 147 5.32 -6.82 -37.84
CA TRP D 147 5.87 -7.21 -36.55
C TRP D 147 5.35 -6.56 -35.27
N TYR D 148 4.85 -5.33 -35.29
CA TYR D 148 4.42 -4.76 -34.02
C TYR D 148 3.30 -5.58 -33.38
N HIS D 149 2.36 -6.09 -34.17
CA HIS D 149 1.37 -6.99 -33.57
C HIS D 149 1.92 -8.41 -33.48
#